data_6XMY
#
_entry.id   6XMY
#
_cell.length_a   153.350
_cell.length_b   36.770
_cell.length_c   56.620
_cell.angle_alpha   90.000
_cell.angle_beta   103.070
_cell.angle_gamma   90.000
#
_symmetry.space_group_name_H-M   'C 1 2 1'
#
loop_
_entity.id
_entity.type
_entity.pdbx_description
1 polymer '4-hydroxythreonine-4-phosphate dehydrogenase'
2 non-polymer NICOTINAMIDE-ADENINE-DINUCLEOTIDE
3 non-polymer 'SULFATE ION'
4 non-polymer 'PHOSPHATE ION'
5 non-polymer 1,2-ETHANEDIOL
6 non-polymer 'ZINC ION'
7 water water
#
_entity_poly.entity_id   1
_entity_poly.type   'polypeptide(L)'
_entity_poly.pdbx_seq_one_letter_code
;MAHHHHHHMNPLLISSGEPAGIGPDLCLALAETDLPVVILGDLSLLEARASELNLSIKFLEYSPHQSFKKKAGYLTVWPV
PCAAPVISGELNPQNAAYVMELLTLGASLCSKGEFSALVTAPVHKANINAAGITFTGHTEFFADFFEVETVVMMLACSQM
KVALVTTHLPLRMVPDAISSLLIIKVIQQLHHSLKHDFGIQSPKINVAGLNPHAGESGYLGREEIEIITPALNTLKNQGI
DVLGPLPADTMFITNHINHCDAYVAMYHDQGLPVLKYAGFNEAVNITLGLPIIRTSVDHGTALELAGKNKANPGSMLAAV
KMAKDMALTRIK
;
_entity_poly.pdbx_strand_id   A
#
# COMPACT_ATOMS: atom_id res chain seq x y z
N HIS A 6 13.83 25.13 1.04
CA HIS A 6 12.47 25.59 0.73
C HIS A 6 11.68 25.86 2.00
N HIS A 7 10.54 26.53 1.84
CA HIS A 7 9.63 26.79 2.96
C HIS A 7 8.74 25.58 3.23
N HIS A 8 7.97 25.16 2.23
CA HIS A 8 7.06 24.03 2.38
C HIS A 8 7.84 22.71 2.38
N MET A 9 7.17 21.65 2.83
CA MET A 9 7.77 20.33 2.87
C MET A 9 8.16 19.88 1.46
N ASN A 10 9.20 19.05 1.36
CA ASN A 10 9.54 18.45 0.07
C ASN A 10 8.33 17.67 -0.43
N PRO A 11 8.04 17.70 -1.72
CA PRO A 11 6.78 17.14 -2.22
C PRO A 11 6.71 15.64 -2.04
N LEU A 12 5.48 15.15 -2.09
CA LEU A 12 5.20 13.72 -2.13
C LEU A 12 5.30 13.25 -3.57
N LEU A 13 5.94 12.10 -3.78
CA LEU A 13 6.10 11.54 -5.12
C LEU A 13 5.06 10.44 -5.34
N ILE A 14 4.30 10.54 -6.43
CA ILE A 14 3.21 9.60 -6.71
C ILE A 14 3.59 8.77 -7.92
N SER A 15 3.77 7.47 -7.73
CA SER A 15 3.89 6.59 -8.89
C SER A 15 2.53 6.40 -9.52
N SER A 16 2.40 6.77 -10.79
CA SER A 16 1.11 6.65 -11.48
C SER A 16 0.76 5.22 -11.89
N GLY A 17 1.66 4.25 -11.70
CA GLY A 17 1.28 2.85 -11.76
C GLY A 17 1.05 2.33 -13.17
N GLU A 18 0.23 1.28 -13.27
CA GLU A 18 -0.04 0.65 -14.55
C GLU A 18 -0.72 1.66 -15.50
N PRO A 19 -0.12 1.99 -16.63
CA PRO A 19 -0.62 3.12 -17.41
C PRO A 19 -1.98 2.87 -18.06
N ALA A 20 -2.32 1.60 -18.34
CA ALA A 20 -3.61 1.28 -18.96
C ALA A 20 -4.74 1.25 -17.96
N GLY A 21 -4.44 1.28 -16.66
CA GLY A 21 -5.43 1.23 -15.62
C GLY A 21 -5.79 2.62 -15.10
N ILE A 22 -6.42 2.64 -13.93
CA ILE A 22 -6.94 3.90 -13.38
C ILE A 22 -5.89 4.72 -12.65
N GLY A 23 -4.67 4.22 -12.48
CA GLY A 23 -3.62 4.96 -11.82
C GLY A 23 -3.45 6.37 -12.36
N PRO A 24 -3.25 6.50 -13.68
CA PRO A 24 -3.16 7.86 -14.25
C PRO A 24 -4.39 8.70 -13.94
N ASP A 25 -5.60 8.11 -14.07
CA ASP A 25 -6.83 8.85 -13.77
C ASP A 25 -6.80 9.38 -12.34
N LEU A 26 -6.35 8.55 -11.39
CA LEU A 26 -6.31 8.95 -10.00
C LEU A 26 -5.31 10.06 -9.76
N CYS A 27 -4.17 10.02 -10.45
CA CYS A 27 -3.20 11.11 -10.34
C CYS A 27 -3.77 12.41 -10.87
N LEU A 28 -4.52 12.33 -11.98
CA LEU A 28 -5.15 13.52 -12.54
C LEU A 28 -6.15 14.12 -11.57
N ALA A 29 -6.83 13.27 -10.78
CA ALA A 29 -7.74 13.78 -9.76
C ALA A 29 -7.04 14.65 -8.72
N LEU A 30 -5.73 14.48 -8.54
CA LEU A 30 -5.00 15.31 -7.60
C LEU A 30 -4.79 16.73 -8.12
N ALA A 31 -5.04 16.97 -9.40
CA ALA A 31 -4.78 18.28 -9.98
C ALA A 31 -5.63 19.36 -9.33
N GLU A 32 -6.82 19.00 -8.87
CA GLU A 32 -7.71 19.99 -8.31
C GLU A 32 -7.48 20.26 -6.83
N THR A 33 -6.58 19.53 -6.20
CA THR A 33 -6.25 19.71 -4.80
C THR A 33 -5.06 20.65 -4.65
N ASP A 34 -4.76 20.99 -3.39
CA ASP A 34 -3.51 21.65 -3.03
C ASP A 34 -2.56 20.70 -2.32
N LEU A 35 -2.71 19.41 -2.53
CA LEU A 35 -1.82 18.44 -1.92
C LEU A 35 -0.47 18.51 -2.65
N PRO A 36 0.63 18.51 -1.92
CA PRO A 36 1.92 18.81 -2.57
C PRO A 36 2.52 17.57 -3.21
N VAL A 37 2.08 17.30 -4.44
CA VAL A 37 2.39 16.06 -5.11
C VAL A 37 3.14 16.32 -6.41
N VAL A 38 3.98 15.36 -6.77
CA VAL A 38 4.65 15.31 -8.06
C VAL A 38 4.41 13.92 -8.62
N ILE A 39 3.94 13.84 -9.86
CA ILE A 39 3.52 12.57 -10.46
C ILE A 39 4.65 11.99 -11.28
N LEU A 40 5.01 10.75 -11.00
CA LEU A 40 5.92 9.98 -11.84
C LEU A 40 5.11 9.27 -12.91
N GLY A 41 5.34 9.61 -14.17
CA GLY A 41 4.60 8.96 -15.23
C GLY A 41 4.91 9.62 -16.55
N ASP A 42 4.37 9.02 -17.60
CA ASP A 42 4.55 9.51 -18.95
C ASP A 42 3.68 10.76 -19.15
N LEU A 43 4.30 11.87 -19.52
CA LEU A 43 3.56 13.12 -19.61
C LEU A 43 2.52 13.08 -20.74
N SER A 44 2.89 12.53 -21.90
CA SER A 44 1.93 12.40 -22.99
CA SER A 44 1.91 12.43 -22.98
C SER A 44 0.74 11.55 -22.58
N LEU A 45 0.99 10.49 -21.81
CA LEU A 45 -0.08 9.65 -21.30
C LEU A 45 -1.01 10.45 -20.39
N LEU A 46 -0.44 11.20 -19.45
CA LEU A 46 -1.26 11.98 -18.54
C LEU A 46 -2.08 13.03 -19.30
N GLU A 47 -1.47 13.69 -20.29
CA GLU A 47 -2.21 14.67 -21.09
C GLU A 47 -3.34 14.00 -21.86
N ALA A 48 -3.05 12.84 -22.47
CA ALA A 48 -4.06 12.16 -23.28
C ALA A 48 -5.19 11.62 -22.41
N ARG A 49 -4.85 11.09 -21.23
CA ARG A 49 -5.88 10.59 -20.33
C ARG A 49 -6.75 11.73 -19.82
N ALA A 50 -6.16 12.90 -19.53
CA ALA A 50 -6.93 14.06 -19.13
C ALA A 50 -7.92 14.47 -20.24
N SER A 51 -7.45 14.46 -21.49
CA SER A 51 -8.33 14.75 -22.60
CA SER A 51 -8.33 14.75 -22.61
C SER A 51 -9.47 13.74 -22.69
N GLU A 52 -9.16 12.45 -22.53
CA GLU A 52 -10.20 11.43 -22.60
C GLU A 52 -11.23 11.64 -21.49
N LEU A 53 -10.79 12.13 -20.33
CA LEU A 53 -11.67 12.40 -19.20
C LEU A 53 -12.32 13.77 -19.26
N ASN A 54 -12.05 14.56 -20.32
CA ASN A 54 -12.60 15.90 -20.46
CA ASN A 54 -12.59 15.91 -20.47
C ASN A 54 -12.17 16.83 -19.32
N LEU A 55 -10.96 16.63 -18.82
CA LEU A 55 -10.41 17.44 -17.74
C LEU A 55 -9.52 18.53 -18.32
N SER A 56 -9.60 19.72 -17.73
CA SER A 56 -8.75 20.85 -18.11
CA SER A 56 -8.75 20.85 -18.11
C SER A 56 -7.68 21.01 -17.03
N ILE A 57 -6.47 20.55 -17.33
CA ILE A 57 -5.35 20.57 -16.39
C ILE A 57 -4.17 21.24 -17.06
N LYS A 58 -3.45 22.06 -16.31
CA LYS A 58 -2.20 22.63 -16.79
C LYS A 58 -1.04 21.84 -16.19
N PHE A 59 -0.21 21.29 -17.04
CA PHE A 59 0.88 20.41 -16.61
C PHE A 59 2.18 21.20 -16.54
N LEU A 60 2.92 20.98 -15.45
CA LEU A 60 4.25 21.54 -15.29
C LEU A 60 5.24 20.40 -15.18
N GLU A 61 6.40 20.54 -15.80
CA GLU A 61 7.47 19.57 -15.57
C GLU A 61 8.20 19.91 -14.28
N TYR A 62 8.47 18.87 -13.49
CA TYR A 62 9.10 19.06 -12.19
C TYR A 62 10.46 19.73 -12.31
N SER A 63 10.72 20.66 -11.40
CA SER A 63 12.03 21.24 -11.19
C SER A 63 12.23 21.42 -9.70
N PRO A 64 13.41 21.07 -9.18
CA PRO A 64 13.69 21.32 -7.76
C PRO A 64 13.86 22.79 -7.43
N HIS A 65 13.88 23.66 -8.43
CA HIS A 65 13.98 25.10 -8.23
C HIS A 65 12.64 25.81 -8.31
N GLN A 66 11.55 25.06 -8.45
CA GLN A 66 10.21 25.64 -8.38
C GLN A 66 9.59 25.40 -7.01
N SER A 67 8.49 26.10 -6.77
CA SER A 67 7.85 26.08 -5.46
C SER A 67 7.33 24.70 -5.11
N PHE A 68 7.43 24.34 -3.83
CA PHE A 68 6.82 23.13 -3.32
C PHE A 68 5.35 23.30 -2.97
N LYS A 69 4.82 24.52 -3.03
CA LYS A 69 3.40 24.76 -2.77
C LYS A 69 2.58 24.40 -4.00
N LYS A 70 1.57 23.55 -3.83
CA LYS A 70 0.71 23.10 -4.91
C LYS A 70 -0.44 24.08 -5.11
N LYS A 71 -0.74 24.40 -6.37
CA LYS A 71 -1.89 25.23 -6.72
C LYS A 71 -2.91 24.40 -7.48
N ALA A 72 -4.18 24.63 -7.17
CA ALA A 72 -5.26 23.93 -7.85
C ALA A 72 -5.24 24.20 -9.34
N GLY A 73 -5.55 23.19 -10.14
CA GLY A 73 -5.58 23.31 -11.58
C GLY A 73 -4.26 22.99 -12.27
N TYR A 74 -3.19 22.82 -11.51
CA TYR A 74 -1.90 22.44 -12.06
C TYR A 74 -1.53 21.04 -11.58
N LEU A 75 -0.75 20.34 -12.38
CA LEU A 75 -0.22 19.06 -11.98
C LEU A 75 1.24 19.02 -12.41
N THR A 76 2.12 18.75 -11.46
CA THR A 76 3.54 18.69 -11.72
C THR A 76 3.96 17.24 -11.94
N VAL A 77 4.71 17.01 -13.01
CA VAL A 77 5.05 15.66 -13.47
C VAL A 77 6.56 15.54 -13.59
N TRP A 78 7.10 14.41 -13.11
CA TRP A 78 8.45 13.95 -13.40
C TRP A 78 8.31 12.97 -14.56
N PRO A 79 8.59 13.39 -15.79
CA PRO A 79 8.27 12.53 -16.94
C PRO A 79 9.14 11.28 -17.00
N VAL A 80 8.48 10.16 -17.30
CA VAL A 80 9.14 8.88 -17.54
C VAL A 80 8.42 8.29 -18.75
N PRO A 81 9.11 7.93 -19.83
CA PRO A 81 8.43 7.59 -21.08
C PRO A 81 7.98 6.12 -21.13
N CYS A 82 6.72 5.90 -21.50
CA CYS A 82 6.28 4.56 -21.83
C CYS A 82 7.03 4.06 -23.07
N ALA A 83 7.25 2.75 -23.14
CA ALA A 83 7.87 2.18 -24.33
C ALA A 83 6.94 2.25 -25.54
N ALA A 84 5.63 2.16 -25.31
CA ALA A 84 4.63 2.22 -26.37
C ALA A 84 3.48 3.08 -25.92
N PRO A 85 2.85 3.82 -26.84
CA PRO A 85 1.66 4.60 -26.49
C PRO A 85 0.59 3.71 -25.90
N VAL A 86 -0.16 4.29 -24.97
CA VAL A 86 -1.06 3.57 -24.10
C VAL A 86 -2.48 3.66 -24.66
N ILE A 87 -3.21 2.55 -24.59
CA ILE A 87 -4.63 2.50 -24.90
C ILE A 87 -5.34 2.16 -23.61
N SER A 88 -6.29 3.01 -23.21
CA SER A 88 -6.99 2.81 -21.94
CA SER A 88 -6.97 2.81 -21.93
C SER A 88 -7.59 1.42 -21.84
N GLY A 89 -7.34 0.74 -20.73
CA GLY A 89 -7.89 -0.58 -20.48
C GLY A 89 -7.17 -1.72 -21.14
N GLU A 90 -6.16 -1.45 -21.96
CA GLU A 90 -5.48 -2.48 -22.75
C GLU A 90 -4.08 -2.69 -22.18
N LEU A 91 -3.90 -3.78 -21.44
CA LEU A 91 -2.57 -4.10 -20.92
C LEU A 91 -1.60 -4.32 -22.07
N ASN A 92 -0.38 -3.87 -21.87
CA ASN A 92 0.68 -4.06 -22.86
C ASN A 92 1.93 -4.49 -22.11
N PRO A 93 2.38 -5.73 -22.29
CA PRO A 93 3.61 -6.16 -21.61
CA PRO A 93 3.61 -6.17 -21.60
C PRO A 93 4.83 -5.33 -21.94
N GLN A 94 4.82 -4.65 -23.10
CA GLN A 94 5.94 -3.80 -23.47
CA GLN A 94 5.96 -3.81 -23.45
C GLN A 94 6.11 -2.62 -22.52
N ASN A 95 5.06 -2.26 -21.78
CA ASN A 95 5.12 -1.16 -20.82
C ASN A 95 5.33 -1.63 -19.39
N ALA A 96 5.63 -2.91 -19.18
CA ALA A 96 5.93 -3.39 -17.83
C ALA A 96 7.22 -2.78 -17.31
N ALA A 97 8.26 -2.70 -18.15
CA ALA A 97 9.51 -2.11 -17.70
C ALA A 97 9.32 -0.64 -17.30
N TYR A 98 8.44 0.07 -17.98
CA TYR A 98 8.10 1.43 -17.59
C TYR A 98 7.55 1.47 -16.17
N VAL A 99 6.61 0.57 -15.86
CA VAL A 99 6.05 0.53 -14.51
C VAL A 99 7.14 0.27 -13.48
N MET A 100 8.02 -0.69 -13.78
CA MET A 100 9.10 -0.97 -12.84
C MET A 100 10.05 0.21 -12.71
N GLU A 101 10.18 1.01 -13.77
CA GLU A 101 11.01 2.22 -13.68
C GLU A 101 10.39 3.24 -12.73
N LEU A 102 9.06 3.37 -12.75
CA LEU A 102 8.39 4.24 -11.79
C LEU A 102 8.68 3.79 -10.37
N LEU A 103 8.62 2.49 -10.11
CA LEU A 103 8.88 1.98 -8.75
C LEU A 103 10.34 2.20 -8.36
N THR A 104 11.26 1.92 -9.27
CA THR A 104 12.69 2.03 -8.97
C THR A 104 13.08 3.49 -8.78
N LEU A 105 12.64 4.34 -9.70
CA LEU A 105 12.93 5.76 -9.57
C LEU A 105 12.26 6.35 -8.33
N GLY A 106 11.02 5.94 -8.05
CA GLY A 106 10.34 6.45 -6.86
C GLY A 106 11.05 6.08 -5.57
N ALA A 107 11.46 4.82 -5.46
CA ALA A 107 12.19 4.38 -4.27
C ALA A 107 13.51 5.14 -4.15
N SER A 108 14.25 5.25 -5.25
CA SER A 108 15.56 5.90 -5.24
C SER A 108 15.44 7.38 -4.86
N LEU A 109 14.50 8.09 -5.49
CA LEU A 109 14.38 9.53 -5.24
C LEU A 109 13.94 9.79 -3.80
N CYS A 110 13.05 8.95 -3.26
CA CYS A 110 12.68 9.10 -1.86
C CYS A 110 13.82 8.70 -0.93
N SER A 111 14.59 7.66 -1.30
CA SER A 111 15.71 7.24 -0.47
CA SER A 111 15.70 7.25 -0.45
C SER A 111 16.72 8.36 -0.29
N LYS A 112 16.93 9.16 -1.33
CA LYS A 112 17.85 10.28 -1.30
C LYS A 112 17.25 11.53 -0.68
N GLY A 113 15.98 11.48 -0.25
CA GLY A 113 15.36 12.63 0.36
C GLY A 113 14.86 13.69 -0.60
N GLU A 114 14.87 13.41 -1.91
CA GLU A 114 14.40 14.38 -2.88
C GLU A 114 12.90 14.60 -2.74
N PHE A 115 12.19 13.60 -2.25
CA PHE A 115 10.76 13.67 -2.01
C PHE A 115 10.51 13.08 -0.63
N SER A 116 9.44 13.54 0.01
CA SER A 116 9.26 13.23 1.43
C SER A 116 8.56 11.90 1.67
N ALA A 117 7.95 11.32 0.64
CA ALA A 117 7.23 10.06 0.77
C ALA A 117 6.86 9.61 -0.63
N LEU A 118 6.55 8.32 -0.75
CA LEU A 118 6.11 7.72 -2.00
C LEU A 118 4.68 7.21 -1.82
N VAL A 119 3.82 7.52 -2.79
CA VAL A 119 2.46 7.00 -2.83
C VAL A 119 2.31 6.26 -4.15
N THR A 120 1.78 5.04 -4.10
CA THR A 120 1.68 4.21 -5.28
C THR A 120 0.25 4.05 -5.76
N ALA A 121 0.02 4.42 -7.01
CA ALA A 121 -1.19 4.06 -7.72
C ALA A 121 -1.08 2.57 -8.08
N PRO A 122 -2.17 1.92 -8.50
CA PRO A 122 -2.12 0.45 -8.63
C PRO A 122 -1.35 0.00 -9.85
N VAL A 123 -0.72 -1.17 -9.72
CA VAL A 123 -0.03 -1.85 -10.82
C VAL A 123 -0.69 -3.20 -11.06
N HIS A 124 -0.55 -3.69 -12.27
CA HIS A 124 -1.10 -4.98 -12.67
C HIS A 124 0.01 -6.02 -12.56
N LYS A 125 -0.09 -6.89 -11.56
CA LYS A 125 0.99 -7.83 -11.28
CA LYS A 125 0.99 -7.84 -11.27
C LYS A 125 1.19 -8.81 -12.42
N ALA A 126 0.11 -9.39 -12.95
CA ALA A 126 0.26 -10.38 -14.01
C ALA A 126 0.92 -9.78 -15.25
N ASN A 127 0.55 -8.55 -15.63
CA ASN A 127 1.18 -7.95 -16.79
C ASN A 127 2.69 -7.84 -16.62
N ILE A 128 3.14 -7.50 -15.42
CA ILE A 128 4.58 -7.42 -15.16
CA ILE A 128 4.57 -7.41 -15.14
C ILE A 128 5.22 -8.79 -15.27
N ASN A 129 4.60 -9.81 -14.68
CA ASN A 129 5.13 -11.16 -14.80
C ASN A 129 5.09 -11.66 -16.23
N ALA A 130 4.04 -11.30 -16.98
CA ALA A 130 3.92 -11.75 -18.37
C ALA A 130 5.06 -11.21 -19.22
N ALA A 131 5.60 -10.05 -18.86
CA ALA A 131 6.74 -9.47 -19.55
C ALA A 131 8.06 -10.10 -19.15
N GLY A 132 8.05 -11.04 -18.21
CA GLY A 132 9.25 -11.72 -17.79
C GLY A 132 9.87 -11.17 -16.52
N ILE A 133 9.19 -10.28 -15.81
CA ILE A 133 9.71 -9.65 -14.61
C ILE A 133 9.01 -10.31 -13.43
N THR A 134 9.76 -11.05 -12.62
CA THR A 134 9.17 -11.69 -11.45
C THR A 134 8.80 -10.63 -10.43
N PHE A 135 7.53 -10.60 -10.03
CA PHE A 135 7.02 -9.49 -9.21
C PHE A 135 5.83 -9.99 -8.42
N THR A 136 5.91 -9.91 -7.10
CA THR A 136 4.77 -10.27 -6.28
CA THR A 136 4.85 -10.28 -6.18
C THR A 136 4.00 -9.09 -5.74
N GLY A 137 4.60 -7.91 -5.67
CA GLY A 137 3.91 -6.72 -5.22
C GLY A 137 4.92 -5.64 -4.92
N HIS A 138 4.39 -4.41 -4.77
CA HIS A 138 5.24 -3.29 -4.35
C HIS A 138 5.96 -3.62 -3.05
N THR A 139 5.25 -4.27 -2.12
CA THR A 139 5.78 -4.46 -0.77
C THR A 139 7.09 -5.25 -0.81
N GLU A 140 7.09 -6.36 -1.55
CA GLU A 140 8.30 -7.16 -1.67
C GLU A 140 9.36 -6.46 -2.52
N PHE A 141 8.92 -5.76 -3.57
CA PHE A 141 9.87 -5.01 -4.39
C PHE A 141 10.64 -4.01 -3.54
N PHE A 142 9.93 -3.24 -2.71
CA PHE A 142 10.59 -2.23 -1.90
C PHE A 142 11.45 -2.85 -0.80
N ALA A 143 10.97 -3.95 -0.20
CA ALA A 143 11.80 -4.66 0.78
C ALA A 143 13.13 -5.08 0.16
N ASP A 144 13.08 -5.65 -1.04
CA ASP A 144 14.30 -6.04 -1.74
C ASP A 144 15.16 -4.83 -2.08
N PHE A 145 14.53 -3.76 -2.58
CA PHE A 145 15.28 -2.57 -2.98
C PHE A 145 16.07 -2.00 -1.82
N PHE A 146 15.45 -1.94 -0.63
CA PHE A 146 16.09 -1.37 0.54
C PHE A 146 16.80 -2.41 1.40
N GLU A 147 16.86 -3.66 0.94
CA GLU A 147 17.52 -4.74 1.65
C GLU A 147 17.04 -4.86 3.09
N VAL A 148 15.72 -4.77 3.27
CA VAL A 148 15.08 -4.94 4.56
C VAL A 148 14.52 -6.36 4.64
N GLU A 149 14.86 -7.07 5.73
CA GLU A 149 14.41 -8.45 5.86
C GLU A 149 12.90 -8.54 6.09
N THR A 150 12.37 -7.72 6.99
CA THR A 150 10.96 -7.79 7.37
C THR A 150 10.31 -6.44 7.12
N VAL A 151 9.37 -6.42 6.17
CA VAL A 151 8.44 -5.31 6.04
C VAL A 151 7.05 -5.86 6.30
N VAL A 152 6.11 -4.97 6.57
CA VAL A 152 4.76 -5.37 6.93
C VAL A 152 3.78 -4.57 6.10
N MET A 153 2.87 -5.27 5.44
CA MET A 153 1.73 -4.65 4.76
CA MET A 153 1.74 -4.65 4.76
C MET A 153 0.62 -4.44 5.78
N MET A 154 0.19 -3.20 5.93
CA MET A 154 -0.90 -2.88 6.85
C MET A 154 -1.91 -2.03 6.10
N LEU A 155 -3.15 -2.48 6.06
CA LEU A 155 -4.23 -1.63 5.56
CA LEU A 155 -4.23 -1.63 5.56
C LEU A 155 -4.87 -0.91 6.74
N ALA A 156 -5.22 0.35 6.52
CA ALA A 156 -5.67 1.21 7.60
C ALA A 156 -6.85 2.05 7.15
N CYS A 157 -7.88 2.09 7.98
CA CYS A 157 -9.03 2.98 7.81
C CYS A 157 -9.50 3.35 9.21
N SER A 158 -10.52 4.22 9.28
CA SER A 158 -11.01 4.64 10.60
C SER A 158 -11.56 3.47 11.40
N GLN A 159 -12.07 2.43 10.74
CA GLN A 159 -12.68 1.32 11.46
C GLN A 159 -11.63 0.41 12.08
N MET A 160 -10.51 0.22 11.39
CA MET A 160 -9.56 -0.81 11.83
C MET A 160 -8.26 -0.68 11.07
N LYS A 161 -7.23 -1.29 11.64
CA LYS A 161 -5.97 -1.53 10.96
C LYS A 161 -5.77 -3.03 10.91
N VAL A 162 -5.35 -3.55 9.76
CA VAL A 162 -5.10 -4.97 9.58
C VAL A 162 -3.72 -5.14 8.96
N ALA A 163 -2.81 -5.76 9.71
CA ALA A 163 -1.49 -6.11 9.22
C ALA A 163 -1.48 -7.60 8.88
N LEU A 164 -0.69 -7.95 7.87
CA LEU A 164 -0.63 -9.32 7.37
C LEU A 164 0.68 -9.97 7.75
N VAL A 165 0.61 -11.22 8.21
CA VAL A 165 1.82 -12.00 8.42
C VAL A 165 2.41 -12.44 7.08
N THR A 166 1.54 -12.84 6.15
CA THR A 166 1.92 -13.17 4.79
C THR A 166 1.07 -12.36 3.82
N THR A 167 1.65 -12.04 2.66
CA THR A 167 1.00 -11.13 1.72
C THR A 167 0.58 -11.92 0.48
N HIS A 168 1.27 -11.80 -0.64
CA HIS A 168 0.80 -12.37 -1.89
C HIS A 168 1.48 -13.73 -2.06
N LEU A 169 0.85 -14.76 -1.49
CA LEU A 169 1.21 -16.16 -1.61
C LEU A 169 0.01 -16.94 -2.10
N PRO A 170 0.24 -17.98 -2.90
CA PRO A 170 -0.83 -18.98 -3.10
C PRO A 170 -1.23 -19.56 -1.77
N LEU A 171 -2.51 -19.86 -1.61
CA LEU A 171 -2.97 -20.39 -0.34
C LEU A 171 -2.22 -21.66 0.07
N ARG A 172 -1.85 -22.50 -0.90
CA ARG A 172 -1.10 -23.72 -0.60
C ARG A 172 0.18 -23.41 0.20
N MET A 173 0.80 -22.25 -0.03
CA MET A 173 2.09 -21.94 0.59
C MET A 173 1.97 -21.23 1.93
N VAL A 174 0.77 -20.81 2.31
CA VAL A 174 0.62 -20.03 3.54
C VAL A 174 1.10 -20.77 4.78
N PRO A 175 0.63 -21.99 5.08
CA PRO A 175 1.05 -22.61 6.34
C PRO A 175 2.55 -22.79 6.47
N ASP A 176 3.24 -23.25 5.42
CA ASP A 176 4.68 -23.41 5.52
C ASP A 176 5.41 -22.08 5.61
N ALA A 177 4.80 -20.98 5.15
CA ALA A 177 5.47 -19.69 5.22
C ALA A 177 5.44 -19.10 6.63
N ILE A 178 4.55 -19.57 7.50
CA ILE A 178 4.37 -18.97 8.81
C ILE A 178 5.22 -19.72 9.83
N SER A 179 6.23 -19.05 10.35
CA SER A 179 7.06 -19.55 11.43
C SER A 179 6.87 -18.65 12.63
N SER A 180 7.28 -19.13 13.82
CA SER A 180 7.23 -18.29 15.00
C SER A 180 8.08 -17.04 14.81
N LEU A 181 9.28 -17.19 14.24
CA LEU A 181 10.16 -16.05 14.01
C LEU A 181 9.52 -15.00 13.11
N LEU A 182 8.83 -15.45 12.05
CA LEU A 182 8.19 -14.49 11.16
C LEU A 182 7.11 -13.69 11.89
N ILE A 183 6.28 -14.38 12.68
CA ILE A 183 5.23 -13.70 13.43
C ILE A 183 5.84 -12.67 14.38
N ILE A 184 6.91 -13.07 15.08
CA ILE A 184 7.59 -12.16 15.99
C ILE A 184 8.10 -10.92 15.25
N LYS A 185 8.77 -11.12 14.12
CA LYS A 185 9.37 -10.01 13.41
C LYS A 185 8.29 -9.08 12.85
N VAL A 186 7.22 -9.67 12.31
CA VAL A 186 6.12 -8.87 11.80
C VAL A 186 5.49 -8.03 12.91
N ILE A 187 5.19 -8.68 14.03
CA ILE A 187 4.52 -7.96 15.11
C ILE A 187 5.46 -6.97 15.81
N GLN A 188 6.76 -7.26 15.89
CA GLN A 188 7.70 -6.26 16.38
C GLN A 188 7.66 -5.01 15.51
N GLN A 189 7.67 -5.19 14.20
CA GLN A 189 7.61 -4.03 13.30
C GLN A 189 6.29 -3.29 13.44
N LEU A 190 5.18 -4.04 13.49
CA LEU A 190 3.87 -3.42 13.67
C LEU A 190 3.83 -2.60 14.96
N HIS A 191 4.28 -3.19 16.07
CA HIS A 191 4.27 -2.49 17.34
C HIS A 191 5.12 -1.22 17.27
N HIS A 192 6.31 -1.33 16.69
CA HIS A 192 7.19 -0.17 16.60
C HIS A 192 6.55 0.95 15.80
N SER A 193 5.93 0.61 14.66
CA SER A 193 5.32 1.63 13.82
C SER A 193 4.12 2.27 14.49
N LEU A 194 3.26 1.47 15.14
CA LEU A 194 2.12 2.06 15.83
C LEU A 194 2.56 3.03 16.90
N LYS A 195 3.62 2.68 17.64
CA LYS A 195 4.08 3.53 18.73
C LYS A 195 4.79 4.77 18.21
N HIS A 196 5.71 4.60 17.27
CA HIS A 196 6.59 5.68 16.86
C HIS A 196 6.03 6.53 15.74
N ASP A 197 5.18 5.96 14.88
CA ASP A 197 4.66 6.68 13.73
C ASP A 197 3.17 6.96 13.79
N PHE A 198 2.41 6.24 14.63
CA PHE A 198 0.99 6.51 14.81
C PHE A 198 0.67 7.06 16.21
N GLY A 199 1.67 7.25 17.05
CA GLY A 199 1.45 7.87 18.35
C GLY A 199 0.67 7.05 19.35
N ILE A 200 0.65 5.73 19.20
CA ILE A 200 -0.06 4.84 20.11
C ILE A 200 0.95 4.35 21.13
N GLN A 201 0.82 4.84 22.37
CA GLN A 201 1.88 4.69 23.36
C GLN A 201 2.08 3.22 23.75
N SER A 202 1.00 2.47 23.93
CA SER A 202 1.07 1.06 24.32
CA SER A 202 1.07 1.06 24.32
C SER A 202 0.10 0.25 23.48
N PRO A 203 0.49 -0.07 22.24
CA PRO A 203 -0.45 -0.70 21.31
C PRO A 203 -0.98 -2.03 21.81
N LYS A 204 -2.28 -2.24 21.62
N LYS A 204 -2.28 -2.25 21.59
CA LYS A 204 -2.91 -3.53 21.82
CA LYS A 204 -2.93 -3.53 21.83
C LYS A 204 -3.17 -4.16 20.46
C LYS A 204 -3.18 -4.17 20.46
N ILE A 205 -2.69 -5.39 20.28
CA ILE A 205 -2.71 -6.05 18.97
C ILE A 205 -3.44 -7.39 19.09
N ASN A 206 -4.50 -7.57 18.31
CA ASN A 206 -5.28 -8.80 18.32
C ASN A 206 -4.89 -9.65 17.12
N VAL A 207 -4.58 -10.92 17.35
CA VAL A 207 -3.94 -11.79 16.36
C VAL A 207 -4.84 -12.97 16.02
N ALA A 208 -5.10 -13.16 14.73
CA ALA A 208 -5.89 -14.29 14.28
C ALA A 208 -5.09 -15.58 14.35
N GLY A 209 -5.80 -16.70 14.57
CA GLY A 209 -5.21 -17.99 14.28
C GLY A 209 -5.07 -18.20 12.78
N LEU A 210 -4.41 -19.31 12.43
CA LEU A 210 -4.29 -19.70 11.02
C LEU A 210 -5.50 -20.47 10.54
N ASN A 211 -6.04 -21.34 11.40
CA ASN A 211 -7.10 -22.28 11.08
C ASN A 211 -8.46 -21.77 11.56
N PRO A 212 -9.56 -22.28 10.99
CA PRO A 212 -10.89 -21.90 11.49
C PRO A 212 -11.00 -22.13 12.99
N HIS A 213 -11.68 -21.21 13.67
CA HIS A 213 -11.83 -21.26 15.13
C HIS A 213 -10.49 -21.44 15.83
N ALA A 214 -9.46 -20.81 15.26
CA ALA A 214 -8.11 -20.86 15.82
C ALA A 214 -7.65 -22.29 16.09
N GLY A 215 -8.02 -23.20 15.20
CA GLY A 215 -7.54 -24.57 15.30
C GLY A 215 -8.31 -25.47 16.24
N GLU A 216 -9.39 -24.98 16.86
CA GLU A 216 -10.28 -25.81 17.67
C GLU A 216 -9.51 -26.60 18.73
N SER A 217 -8.71 -25.88 19.51
CA SER A 217 -7.93 -26.47 20.59
C SER A 217 -7.04 -27.61 20.10
N GLY A 218 -6.52 -27.48 18.89
CA GLY A 218 -5.62 -28.49 18.35
C GLY A 218 -6.28 -29.60 17.55
N TYR A 219 -7.61 -29.57 17.40
CA TYR A 219 -8.31 -30.60 16.64
C TYR A 219 -8.53 -30.21 15.18
N LEU A 220 -8.25 -28.96 14.83
CA LEU A 220 -8.43 -28.48 13.46
C LEU A 220 -7.15 -27.77 13.01
N GLY A 221 -6.05 -28.50 13.05
CA GLY A 221 -4.74 -27.95 12.76
C GLY A 221 -3.93 -27.74 14.03
N ARG A 222 -2.61 -27.84 13.88
CA ARG A 222 -1.69 -27.75 15.01
C ARG A 222 -0.92 -26.44 15.04
N GLU A 223 -1.08 -25.57 14.05
CA GLU A 223 -0.17 -24.42 13.95
C GLU A 223 -0.35 -23.44 15.10
N GLU A 224 -1.56 -23.32 15.64
CA GLU A 224 -1.75 -22.43 16.78
C GLU A 224 -0.93 -22.91 17.97
N ILE A 225 -0.94 -24.21 18.24
CA ILE A 225 -0.21 -24.77 19.38
C ILE A 225 1.29 -24.75 19.12
N GLU A 226 1.71 -25.12 17.92
CA GLU A 226 3.13 -25.29 17.64
C GLU A 226 3.85 -24.02 17.22
N ILE A 227 3.13 -23.04 16.66
CA ILE A 227 3.76 -21.89 16.00
CA ILE A 227 3.79 -21.90 16.04
C ILE A 227 3.26 -20.57 16.56
N ILE A 228 1.94 -20.37 16.55
CA ILE A 228 1.40 -19.04 16.83
C ILE A 228 1.45 -18.71 18.32
N THR A 229 0.90 -19.57 19.16
CA THR A 229 0.95 -19.31 20.59
C THR A 229 2.37 -19.16 21.12
N PRO A 230 3.34 -20.00 20.74
CA PRO A 230 4.73 -19.73 21.17
C PRO A 230 5.22 -18.36 20.75
N ALA A 231 4.94 -17.94 19.51
CA ALA A 231 5.34 -16.61 19.07
C ALA A 231 4.68 -15.52 19.92
N LEU A 232 3.39 -15.66 20.20
CA LEU A 232 2.70 -14.63 20.99
C LEU A 232 3.22 -14.61 22.42
N ASN A 233 3.55 -15.77 22.99
CA ASN A 233 4.17 -15.80 24.31
C ASN A 233 5.50 -15.04 24.32
N THR A 234 6.32 -15.25 23.28
CA THR A 234 7.58 -14.53 23.17
C THR A 234 7.34 -13.03 23.09
N LEU A 235 6.37 -12.61 22.27
CA LEU A 235 6.07 -11.20 22.15
C LEU A 235 5.58 -10.61 23.47
N LYS A 236 4.71 -11.33 24.18
CA LYS A 236 4.26 -10.86 25.49
C LYS A 236 5.43 -10.66 26.43
N ASN A 237 6.40 -11.58 26.42
CA ASN A 237 7.55 -11.44 27.29
C ASN A 237 8.55 -10.39 26.80
N GLN A 238 8.38 -9.88 25.59
CA GLN A 238 9.06 -8.66 25.16
C GLN A 238 8.26 -7.41 25.48
N GLY A 239 7.09 -7.56 26.12
CA GLY A 239 6.27 -6.43 26.48
C GLY A 239 5.35 -5.93 25.40
N ILE A 240 5.10 -6.73 24.37
CA ILE A 240 4.20 -6.35 23.28
C ILE A 240 2.84 -6.98 23.57
N ASP A 241 1.82 -6.13 23.68
CA ASP A 241 0.52 -6.52 24.23
C ASP A 241 -0.34 -7.16 23.14
N VAL A 242 -0.09 -8.45 22.89
CA VAL A 242 -0.84 -9.24 21.92
C VAL A 242 -1.89 -10.08 22.62
N LEU A 243 -2.99 -10.31 21.91
CA LEU A 243 -4.05 -11.22 22.33
C LEU A 243 -4.33 -12.16 21.17
N GLY A 244 -4.34 -13.45 21.45
CA GLY A 244 -4.64 -14.42 20.41
C GLY A 244 -4.08 -15.78 20.76
N PRO A 245 -4.24 -16.76 19.86
CA PRO A 245 -4.89 -16.61 18.55
C PRO A 245 -6.41 -16.56 18.65
N LEU A 246 -7.02 -15.70 17.87
CA LEU A 246 -8.46 -15.50 17.85
C LEU A 246 -9.07 -16.07 16.56
N PRO A 247 -10.33 -16.49 16.61
CA PRO A 247 -10.98 -16.97 15.39
C PRO A 247 -11.27 -15.81 14.46
N ALA A 248 -10.81 -15.92 13.21
CA ALA A 248 -10.91 -14.80 12.29
C ALA A 248 -12.35 -14.44 11.95
N ASP A 249 -13.27 -15.39 12.06
CA ASP A 249 -14.64 -15.13 11.65
C ASP A 249 -15.40 -14.26 12.65
N THR A 250 -14.90 -14.11 13.89
CA THR A 250 -15.50 -13.16 14.81
C THR A 250 -14.55 -12.12 15.39
N MET A 251 -13.25 -12.19 15.11
CA MET A 251 -12.33 -11.28 15.77
CA MET A 251 -12.27 -11.29 15.71
C MET A 251 -12.57 -9.83 15.39
N PHE A 252 -13.08 -9.57 14.19
CA PHE A 252 -13.31 -8.21 13.72
C PHE A 252 -14.59 -7.59 14.28
N ILE A 253 -15.38 -8.35 15.03
CA ILE A 253 -16.56 -7.81 15.69
C ILE A 253 -16.15 -7.24 17.05
N THR A 254 -16.34 -5.94 17.23
CA THR A 254 -15.92 -5.29 18.46
C THR A 254 -16.94 -5.53 19.57
N ASN A 255 -16.43 -5.60 20.81
CA ASN A 255 -17.27 -5.57 22.00
C ASN A 255 -16.67 -4.60 23.01
N HIS A 256 -17.26 -4.54 24.20
CA HIS A 256 -16.85 -3.56 25.19
C HIS A 256 -15.41 -3.76 25.66
N ILE A 257 -14.87 -4.96 25.53
CA ILE A 257 -13.59 -5.29 26.17
C ILE A 257 -12.49 -5.67 25.19
N ASN A 258 -12.80 -6.07 23.97
CA ASN A 258 -11.79 -6.59 23.05
C ASN A 258 -11.14 -5.53 22.17
N HIS A 259 -11.21 -4.26 22.58
CA HIS A 259 -10.68 -3.19 21.74
C HIS A 259 -9.19 -3.36 21.50
N CYS A 260 -8.76 -3.01 20.30
CA CYS A 260 -7.34 -3.09 19.96
C CYS A 260 -6.99 -1.95 19.02
N ASP A 261 -5.69 -1.73 18.86
CA ASP A 261 -5.18 -0.72 17.95
C ASP A 261 -4.89 -1.27 16.58
N ALA A 262 -4.75 -2.59 16.44
CA ALA A 262 -4.54 -3.21 15.15
C ALA A 262 -4.84 -4.68 15.26
N TYR A 263 -5.32 -5.25 14.15
CA TYR A 263 -5.46 -6.67 13.98
C TYR A 263 -4.30 -7.21 13.16
N VAL A 264 -3.96 -8.46 13.42
CA VAL A 264 -3.00 -9.20 12.61
C VAL A 264 -3.73 -10.41 12.03
N ALA A 265 -3.75 -10.49 10.70
CA ALA A 265 -4.25 -11.67 10.01
C ALA A 265 -3.08 -12.48 9.48
N MET A 266 -3.26 -13.80 9.44
CA MET A 266 -2.19 -14.68 9.02
C MET A 266 -1.96 -14.64 7.51
N TYR A 267 -3.00 -14.32 6.73
CA TYR A 267 -2.88 -14.37 5.28
C TYR A 267 -3.89 -13.41 4.64
N HIS A 268 -3.62 -13.14 3.37
CA HIS A 268 -4.24 -12.04 2.62
C HIS A 268 -5.78 -12.05 2.72
N ASP A 269 -6.39 -13.14 2.27
CA ASP A 269 -7.85 -13.18 2.23
C ASP A 269 -8.50 -13.44 3.58
N GLN A 270 -7.70 -13.63 4.65
CA GLN A 270 -8.25 -13.74 5.99
C GLN A 270 -8.57 -12.37 6.58
N GLY A 271 -7.82 -11.33 6.17
CA GLY A 271 -7.97 -10.03 6.78
C GLY A 271 -8.47 -8.94 5.87
N LEU A 272 -8.11 -8.98 4.60
CA LEU A 272 -8.47 -7.88 3.71
C LEU A 272 -9.95 -7.83 3.31
N PRO A 273 -10.66 -8.95 3.15
CA PRO A 273 -12.09 -8.82 2.80
C PRO A 273 -12.89 -7.99 3.79
N VAL A 274 -12.74 -8.24 5.09
CA VAL A 274 -13.48 -7.45 6.08
CA VAL A 274 -13.50 -7.45 6.06
C VAL A 274 -13.07 -5.99 6.01
N LEU A 275 -11.77 -5.72 5.95
CA LEU A 275 -11.31 -4.34 5.95
C LEU A 275 -11.86 -3.59 4.75
N LYS A 276 -11.81 -4.19 3.56
CA LYS A 276 -12.29 -3.51 2.38
C LYS A 276 -13.81 -3.41 2.39
N TYR A 277 -14.50 -4.40 2.95
CA TYR A 277 -15.95 -4.28 3.09
C TYR A 277 -16.30 -3.07 3.93
N ALA A 278 -15.56 -2.85 5.02
CA ALA A 278 -15.84 -1.73 5.91
C ALA A 278 -15.38 -0.39 5.33
N GLY A 279 -14.25 -0.35 4.62
CA GLY A 279 -13.65 0.93 4.29
C GLY A 279 -12.97 1.07 2.94
N PHE A 280 -13.45 0.36 1.93
CA PHE A 280 -12.79 0.31 0.61
C PHE A 280 -12.40 1.70 0.10
N ASN A 281 -13.30 2.68 0.19
CA ASN A 281 -13.03 3.98 -0.42
C ASN A 281 -12.29 4.96 0.49
N GLU A 282 -11.86 4.51 1.66
N GLU A 282 -11.86 4.50 1.66
CA GLU A 282 -11.07 5.36 2.54
CA GLU A 282 -11.11 5.34 2.58
C GLU A 282 -9.77 4.71 2.98
C GLU A 282 -9.83 4.67 3.09
N ALA A 283 -9.59 3.41 2.75
CA ALA A 283 -8.49 2.67 3.33
C ALA A 283 -7.19 2.89 2.54
N VAL A 284 -6.07 2.77 3.27
CA VAL A 284 -4.74 3.00 2.75
C VAL A 284 -3.91 1.76 3.06
N ASN A 285 -3.14 1.31 2.07
CA ASN A 285 -2.13 0.28 2.27
C ASN A 285 -0.84 1.00 2.57
N ILE A 286 -0.30 0.80 3.77
CA ILE A 286 0.96 1.42 4.17
C ILE A 286 1.97 0.32 4.44
N THR A 287 3.18 0.49 3.90
CA THR A 287 4.26 -0.47 4.13
C THR A 287 5.07 -0.02 5.34
N LEU A 288 5.20 -0.90 6.33
CA LEU A 288 5.96 -0.61 7.54
C LEU A 288 7.33 -1.27 7.44
N GLY A 289 8.37 -0.55 7.88
CA GLY A 289 9.70 -1.11 7.99
C GLY A 289 10.70 -0.64 6.94
N LEU A 290 10.31 0.20 6.00
CA LEU A 290 11.26 0.74 5.04
C LEU A 290 11.90 2.00 5.61
N PRO A 291 13.03 2.45 5.05
CA PRO A 291 13.61 3.73 5.46
C PRO A 291 12.91 4.92 4.84
N ILE A 292 11.90 4.70 4.00
CA ILE A 292 11.06 5.75 3.46
C ILE A 292 9.62 5.47 3.87
N ILE A 293 8.80 6.51 3.76
CA ILE A 293 7.34 6.38 3.90
C ILE A 293 6.80 5.96 2.54
N ARG A 294 5.99 4.90 2.53
CA ARG A 294 5.31 4.48 1.32
C ARG A 294 3.88 4.10 1.66
N THR A 295 2.92 4.79 1.04
CA THR A 295 1.51 4.43 1.12
C THR A 295 1.00 4.06 -0.27
N SER A 296 -0.24 3.60 -0.30
CA SER A 296 -0.81 3.04 -1.52
C SER A 296 -2.32 3.07 -1.45
N VAL A 297 -2.93 3.08 -2.64
CA VAL A 297 -4.34 2.76 -2.73
C VAL A 297 -4.57 1.34 -2.22
N ASP A 298 -5.82 1.05 -1.85
CA ASP A 298 -6.22 -0.27 -1.38
C ASP A 298 -6.97 -1.05 -2.45
N HIS A 299 -6.71 -0.76 -3.71
CA HIS A 299 -7.44 -1.37 -4.81
C HIS A 299 -6.49 -1.57 -5.97
N GLY A 300 -6.98 -2.25 -6.99
CA GLY A 300 -6.20 -2.58 -8.16
C GLY A 300 -6.42 -1.65 -9.32
N THR A 301 -6.06 -2.15 -10.51
CA THR A 301 -5.95 -1.34 -11.71
C THR A 301 -7.30 -0.99 -12.33
N ALA A 302 -8.35 -1.74 -12.03
CA ALA A 302 -9.69 -1.47 -12.55
C ALA A 302 -9.65 -1.09 -14.03
N LEU A 303 -9.07 -1.98 -14.84
CA LEU A 303 -8.81 -1.67 -16.25
C LEU A 303 -10.06 -1.21 -16.98
N GLU A 304 -11.19 -1.85 -16.73
CA GLU A 304 -12.42 -1.51 -17.41
C GLU A 304 -12.93 -0.11 -17.08
N LEU A 305 -12.42 0.51 -15.99
CA LEU A 305 -12.83 1.86 -15.64
C LEU A 305 -11.89 2.92 -16.17
N ALA A 306 -10.74 2.55 -16.71
CA ALA A 306 -9.75 3.53 -17.12
C ALA A 306 -10.32 4.43 -18.22
N GLY A 307 -10.19 5.74 -18.02
CA GLY A 307 -10.68 6.73 -18.96
C GLY A 307 -12.17 6.96 -18.93
N LYS A 308 -12.90 6.42 -17.95
CA LYS A 308 -14.36 6.44 -17.97
C LYS A 308 -14.99 7.38 -16.97
N ASN A 309 -14.21 8.01 -16.09
CA ASN A 309 -14.74 8.88 -15.05
C ASN A 309 -15.69 8.15 -14.11
N LYS A 310 -15.36 6.92 -13.73
CA LYS A 310 -16.20 6.14 -12.84
C LYS A 310 -15.53 5.78 -11.52
N ALA A 311 -14.21 5.65 -11.51
CA ALA A 311 -13.48 5.25 -10.32
C ALA A 311 -13.61 6.27 -9.21
N ASN A 312 -13.61 5.77 -7.98
CA ASN A 312 -13.68 6.59 -6.79
C ASN A 312 -12.26 6.94 -6.37
N PRO A 313 -11.90 8.22 -6.29
CA PRO A 313 -10.54 8.59 -5.88
C PRO A 313 -10.31 8.61 -4.37
N GLY A 314 -11.25 8.09 -3.58
CA GLY A 314 -11.16 8.23 -2.13
C GLY A 314 -9.94 7.58 -1.52
N SER A 315 -9.59 6.37 -1.99
CA SER A 315 -8.42 5.69 -1.45
C SER A 315 -7.14 6.44 -1.81
N MET A 316 -7.00 6.88 -3.06
CA MET A 316 -5.82 7.66 -3.44
C MET A 316 -5.70 8.92 -2.58
N LEU A 317 -6.82 9.64 -2.39
CA LEU A 317 -6.76 10.87 -1.60
C LEU A 317 -6.36 10.56 -0.17
N ALA A 318 -6.92 9.50 0.41
CA ALA A 318 -6.53 9.09 1.75
C ALA A 318 -5.07 8.68 1.81
N ALA A 319 -4.56 8.01 0.76
CA ALA A 319 -3.17 7.56 0.77
C ALA A 319 -2.20 8.74 0.71
N VAL A 320 -2.53 9.75 -0.10
CA VAL A 320 -1.71 10.95 -0.16
C VAL A 320 -1.76 11.69 1.17
N LYS A 321 -2.95 11.81 1.76
CA LYS A 321 -3.04 12.54 3.03
C LYS A 321 -2.29 11.80 4.15
N MET A 322 -2.35 10.48 4.16
CA MET A 322 -1.61 9.73 5.17
C MET A 322 -0.11 9.90 4.99
N ALA A 323 0.37 9.83 3.75
CA ALA A 323 1.79 10.05 3.50
C ALA A 323 2.21 11.44 3.93
N LYS A 324 1.40 12.45 3.61
CA LYS A 324 1.67 13.82 4.04
C LYS A 324 1.75 13.90 5.56
N ASP A 325 0.79 13.30 6.25
CA ASP A 325 0.75 13.38 7.71
C ASP A 325 1.98 12.73 8.31
N MET A 326 2.42 11.61 7.73
CA MET A 326 3.62 10.92 8.22
CA MET A 326 3.60 10.96 8.27
C MET A 326 4.87 11.73 7.95
N ALA A 327 4.95 12.34 6.77
CA ALA A 327 6.13 13.14 6.46
C ALA A 327 6.24 14.35 7.36
N LEU A 328 5.10 14.97 7.70
CA LEU A 328 5.13 16.14 8.57
C LEU A 328 5.54 15.77 9.99
N THR A 329 5.32 14.53 10.41
CA THR A 329 5.67 14.08 11.74
C THR A 329 6.90 13.18 11.77
N ARG A 330 7.68 13.17 10.70
CA ARG A 330 8.89 12.34 10.63
C ARG A 330 10.00 12.96 11.48
#